data_8XSG
#
_entry.id   8XSG
#
_cell.length_a   100.136
_cell.length_b   43.390
_cell.length_c   95.823
_cell.angle_alpha   90.000
_cell.angle_beta   117.440
_cell.angle_gamma   90.000
#
_symmetry.space_group_name_H-M   'C 1 2 1'
#
loop_
_entity.id
_entity.type
_entity.pdbx_description
1 polymer 'Putative glycosyltransferase'
2 non-polymer URIDINE
3 non-polymer '2-(N-MORPHOLINO)-ETHANESULFONIC ACID'
4 water water
#
_entity_poly.entity_id   1
_entity_poly.type   'polypeptide(L)'
_entity_poly.pdbx_seq_one_letter_code
;GPSNITFYFPFGHVPTYGGDFVNLEHIRALNKHGFSAKVILMKNQIPIVIESFPKDIPVVFYKPGMELNAQDVFVLSEGV
RIMYSGLAQTQAFRVIVHNQNPFYTHTGMDSAHDINRYRITKIITPSHYTVKKLEEMGITKPMAVISPYIPEYFKPAEKS
NEEIRITYSRRKREEESKILLFYLRSLYRGKKALHIRNLTNYKREEVAEEMSKAHIYASFAERESLGLMALEAMASGCHV
VGFSGFTDFENQDVFNEENGDWVKEGEYKKFAEKLIEAIEQIENNTPSPKIENGLALVNSRFRQDRFEQEVVRVYQDILD
NLPPLEGFNESDKVVLDFWHFD
;
_entity_poly.pdbx_strand_id   A
#
loop_
_chem_comp.id
_chem_comp.type
_chem_comp.name
_chem_comp.formula
MES non-polymer '2-(N-MORPHOLINO)-ETHANESULFONIC ACID' 'C6 H13 N O4 S'
URI non-polymer URIDINE 'C9 H12 N2 O6'
#
# COMPACT_ATOMS: atom_id res chain seq x y z
N GLY A 1 10.87 30.29 10.05
CA GLY A 1 9.42 30.46 10.27
C GLY A 1 8.66 29.29 9.65
N PRO A 2 7.31 29.31 9.64
CA PRO A 2 6.53 28.24 9.03
C PRO A 2 6.85 28.17 7.53
N SER A 3 6.64 26.98 6.94
CA SER A 3 6.94 26.73 5.55
C SER A 3 5.96 27.45 4.63
N ASN A 4 4.72 27.68 5.11
CA ASN A 4 3.62 28.14 4.26
C ASN A 4 3.44 27.21 3.04
N ILE A 5 3.68 25.92 3.23
CA ILE A 5 3.53 24.95 2.16
C ILE A 5 2.35 24.03 2.42
N THR A 6 1.56 23.77 1.38
CA THR A 6 0.60 22.70 1.38
C THR A 6 1.06 21.58 0.44
N PHE A 7 0.88 20.34 0.90
CA PHE A 7 1.06 19.15 0.09
C PHE A 7 -0.26 18.76 -0.56
N TYR A 8 -0.26 18.67 -1.91
CA TYR A 8 -1.43 18.30 -2.68
C TYR A 8 -1.28 16.88 -3.23
N PHE A 9 -2.28 16.06 -2.95
CA PHE A 9 -2.36 14.68 -3.39
C PHE A 9 -3.45 14.56 -4.45
N PRO A 10 -3.12 14.41 -5.74
CA PRO A 10 -4.14 14.28 -6.79
C PRO A 10 -4.96 12.99 -6.74
N PHE A 11 -6.27 13.19 -6.92
CA PHE A 11 -7.22 12.10 -7.11
C PHE A 11 -8.07 12.43 -8.32
N GLY A 12 -8.66 11.38 -8.91
CA GLY A 12 -9.58 11.56 -10.03
C GLY A 12 -10.81 10.67 -9.95
N HIS A 13 -10.98 9.95 -8.84
CA HIS A 13 -11.97 8.90 -8.70
C HIS A 13 -12.21 8.67 -7.20
N VAL A 14 -13.24 7.89 -6.89
CA VAL A 14 -13.42 7.34 -5.55
C VAL A 14 -12.13 6.63 -5.13
N PRO A 15 -11.64 6.81 -3.88
CA PRO A 15 -10.52 6.02 -3.39
C PRO A 15 -10.86 4.53 -3.51
N THR A 16 -9.93 3.77 -4.11
CA THR A 16 -10.27 2.42 -4.51
C THR A 16 -9.17 1.45 -4.16
N TYR A 17 -7.95 1.79 -4.57
CA TYR A 17 -6.87 0.83 -4.45
C TYR A 17 -6.27 1.08 -3.08
N GLY A 18 -5.47 0.12 -2.60
CA GLY A 18 -4.83 0.28 -1.32
C GLY A 18 -4.07 1.61 -1.28
N GLY A 19 -3.31 1.89 -2.36
CA GLY A 19 -2.45 3.08 -2.41
C GLY A 19 -3.22 4.36 -2.14
N ASP A 20 -4.43 4.44 -2.65
CA ASP A 20 -5.31 5.59 -2.42
C ASP A 20 -5.54 5.81 -0.93
N PHE A 21 -5.87 4.73 -0.21
CA PHE A 21 -6.17 4.79 1.21
C PHE A 21 -4.91 5.14 2.01
N VAL A 22 -3.75 4.64 1.59
CA VAL A 22 -2.52 5.03 2.27
C VAL A 22 -2.31 6.53 2.11
N ASN A 23 -2.52 7.07 0.91
CA ASN A 23 -2.38 8.51 0.71
C ASN A 23 -3.32 9.32 1.63
N LEU A 24 -4.56 8.86 1.82
CA LEU A 24 -5.47 9.56 2.73
C LEU A 24 -4.87 9.52 4.14
N GLU A 25 -4.22 8.40 4.50
CA GLU A 25 -3.59 8.26 5.81
C GLU A 25 -2.38 9.19 5.93
N HIS A 26 -1.63 9.41 4.86
CA HIS A 26 -0.57 10.42 4.92
C HIS A 26 -1.20 11.81 5.19
N ILE A 27 -2.24 12.15 4.43
CA ILE A 27 -2.91 13.45 4.60
C ILE A 27 -3.35 13.64 6.06
N ARG A 28 -3.99 12.61 6.62
CA ARG A 28 -4.53 12.74 7.98
C ARG A 28 -3.42 12.92 9.01
N ALA A 29 -2.33 12.14 8.86
CA ALA A 29 -1.21 12.26 9.77
C ALA A 29 -0.54 13.62 9.63
N LEU A 30 -0.37 14.10 8.40
CA LEU A 30 0.25 15.40 8.18
C LEU A 30 -0.57 16.51 8.87
N ASN A 31 -1.89 16.51 8.67
CA ASN A 31 -2.70 17.58 9.21
C ASN A 31 -2.81 17.46 10.75
N LYS A 32 -2.73 16.25 11.26
CA LYS A 32 -2.79 16.04 12.71
C LYS A 32 -1.53 16.60 13.37
N HIS A 33 -0.41 16.71 12.66
CA HIS A 33 0.87 16.94 13.28
C HIS A 33 1.52 18.24 12.79
N GLY A 34 0.71 19.24 12.38
CA GLY A 34 1.24 20.56 12.11
C GLY A 34 1.66 20.87 10.68
N PHE A 35 1.32 20.01 9.73
CA PHE A 35 1.49 20.34 8.34
C PHE A 35 0.13 20.66 7.71
N SER A 36 0.15 20.96 6.42
CA SER A 36 -1.05 21.16 5.64
C SER A 36 -1.03 20.26 4.40
N ALA A 37 -2.05 19.39 4.32
CA ALA A 37 -2.14 18.42 3.24
C ALA A 37 -3.58 18.35 2.78
N LYS A 38 -3.78 18.25 1.47
CA LYS A 38 -5.11 18.25 0.87
C LYS A 38 -5.13 17.32 -0.35
N VAL A 39 -6.32 16.79 -0.60
CA VAL A 39 -6.60 16.18 -1.89
C VAL A 39 -6.85 17.30 -2.90
N ILE A 40 -6.28 17.13 -4.11
CA ILE A 40 -6.72 17.94 -5.23
C ILE A 40 -7.48 17.03 -6.19
N LEU A 41 -8.79 17.29 -6.30
CA LEU A 41 -9.66 16.41 -7.07
C LEU A 41 -9.69 16.92 -8.50
N MET A 42 -8.98 16.21 -9.39
CA MET A 42 -8.61 16.71 -10.71
C MET A 42 -9.80 16.73 -11.68
N LYS A 43 -10.79 15.85 -11.44
CA LYS A 43 -11.87 15.60 -12.36
C LYS A 43 -12.93 14.78 -11.64
N ASN A 44 -14.07 14.53 -12.31
CA ASN A 44 -15.09 13.69 -11.68
C ASN A 44 -15.55 14.34 -10.38
N GLN A 45 -15.79 15.65 -10.47
CA GLN A 45 -16.31 16.40 -9.34
C GLN A 45 -17.83 16.22 -9.27
N ILE A 46 -18.27 15.02 -8.86
CA ILE A 46 -19.65 14.58 -8.88
C ILE A 46 -19.98 13.95 -7.52
N PRO A 47 -21.26 13.91 -7.11
CA PRO A 47 -21.58 13.54 -5.72
C PRO A 47 -20.94 12.24 -5.21
N ILE A 48 -21.00 11.13 -5.97
CA ILE A 48 -20.49 9.86 -5.48
C ILE A 48 -19.00 10.00 -5.15
N VAL A 49 -18.27 10.81 -5.93
CA VAL A 49 -16.83 10.94 -5.78
C VAL A 49 -16.54 11.91 -4.63
N ILE A 50 -17.18 13.08 -4.65
CA ILE A 50 -16.98 14.05 -3.58
C ILE A 50 -17.30 13.45 -2.21
N GLU A 51 -18.41 12.70 -2.13
CA GLU A 51 -18.88 12.16 -0.86
C GLU A 51 -18.01 10.99 -0.41
N SER A 52 -17.12 10.49 -1.30
CA SER A 52 -16.29 9.35 -0.96
C SER A 52 -15.06 9.77 -0.14
N PHE A 53 -14.82 11.07 -0.01
CA PHE A 53 -13.72 11.55 0.82
C PHE A 53 -14.25 11.91 2.20
N PRO A 54 -13.83 11.20 3.26
CA PRO A 54 -14.28 11.50 4.62
C PRO A 54 -14.11 12.99 4.90
N LYS A 55 -14.92 13.49 5.84
CA LYS A 55 -15.05 14.92 6.09
C LYS A 55 -13.77 15.52 6.65
N ASP A 56 -12.89 14.69 7.23
CA ASP A 56 -11.61 15.11 7.77
C ASP A 56 -10.52 15.14 6.69
N ILE A 57 -10.85 14.86 5.44
CA ILE A 57 -9.89 14.99 4.35
C ILE A 57 -10.23 16.27 3.61
N PRO A 58 -9.42 17.33 3.71
CA PRO A 58 -9.68 18.51 2.90
C PRO A 58 -9.53 18.20 1.42
N VAL A 59 -10.49 18.69 0.65
CA VAL A 59 -10.53 18.53 -0.79
C VAL A 59 -10.62 19.90 -1.47
N VAL A 60 -9.73 20.11 -2.44
CA VAL A 60 -9.79 21.25 -3.32
C VAL A 60 -10.08 20.76 -4.73
N PHE A 61 -11.04 21.41 -5.40
CA PHE A 61 -11.34 21.03 -6.78
C PHE A 61 -10.36 21.70 -7.73
N TYR A 62 -9.82 20.91 -8.66
CA TYR A 62 -9.13 21.50 -9.79
C TYR A 62 -10.14 22.20 -10.69
N LYS A 63 -9.83 23.46 -10.96
CA LYS A 63 -10.52 24.24 -11.97
C LYS A 63 -9.45 25.01 -12.75
N PRO A 64 -9.39 24.91 -14.09
CA PRO A 64 -8.40 25.66 -14.85
C PRO A 64 -8.55 27.12 -14.46
N GLY A 65 -7.42 27.76 -14.16
CA GLY A 65 -7.41 29.15 -13.73
C GLY A 65 -7.26 29.36 -12.22
N MET A 66 -7.38 28.28 -11.42
CA MET A 66 -7.19 28.38 -9.99
C MET A 66 -5.73 28.75 -9.71
N GLU A 67 -5.48 29.25 -8.50
CA GLU A 67 -4.15 29.63 -8.06
C GLU A 67 -3.69 28.73 -6.92
N LEU A 68 -2.39 28.42 -6.92
CA LEU A 68 -1.70 27.90 -5.75
C LEU A 68 -0.49 28.79 -5.51
N ASN A 69 0.14 28.59 -4.35
CA ASN A 69 1.37 29.25 -4.01
C ASN A 69 2.54 28.53 -4.66
N ALA A 70 3.51 29.30 -5.11
CA ALA A 70 4.64 28.76 -5.87
C ALA A 70 5.41 27.72 -5.08
N GLN A 71 5.40 27.81 -3.73
CA GLN A 71 6.17 26.90 -2.89
C GLN A 71 5.48 25.55 -2.66
N ASP A 72 4.21 25.40 -3.07
CA ASP A 72 3.41 24.20 -2.74
C ASP A 72 4.02 22.96 -3.38
N VAL A 73 3.66 21.81 -2.80
CA VAL A 73 4.23 20.53 -3.17
C VAL A 73 3.13 19.63 -3.70
N PHE A 74 3.43 18.98 -4.82
CA PHE A 74 2.58 17.92 -5.33
C PHE A 74 3.21 16.58 -4.99
N VAL A 75 2.39 15.69 -4.42
CA VAL A 75 2.78 14.34 -4.05
C VAL A 75 2.07 13.44 -5.06
N LEU A 76 2.85 13.07 -6.09
CA LEU A 76 2.33 12.34 -7.24
C LEU A 76 2.49 10.84 -7.03
N SER A 77 1.50 10.09 -7.52
CA SER A 77 1.58 8.66 -7.68
C SER A 77 2.61 8.31 -8.75
N GLU A 78 3.11 7.06 -8.75
CA GLU A 78 3.95 6.59 -9.83
C GLU A 78 3.13 6.42 -11.09
N GLY A 79 1.81 6.31 -10.92
CA GLY A 79 0.92 6.23 -12.06
C GLY A 79 0.59 7.64 -12.56
N VAL A 80 -0.56 7.76 -13.19
CA VAL A 80 -1.02 9.01 -13.76
C VAL A 80 0.10 9.86 -14.37
N ARG A 81 0.40 9.50 -15.61
CA ARG A 81 1.35 10.16 -16.49
C ARG A 81 1.00 11.63 -16.72
N ILE A 82 -0.30 11.95 -16.77
CA ILE A 82 -0.70 13.31 -17.15
C ILE A 82 -0.31 14.32 -16.06
N MET A 83 -0.11 13.86 -14.82
CA MET A 83 0.27 14.82 -13.79
C MET A 83 1.71 15.27 -14.03
N TYR A 84 2.57 14.36 -14.49
CA TYR A 84 3.96 14.69 -14.76
C TYR A 84 4.06 15.65 -15.94
N SER A 85 3.32 15.36 -17.03
CA SER A 85 3.43 16.17 -18.24
C SER A 85 2.82 17.54 -17.96
N GLY A 86 1.72 17.56 -17.21
CA GLY A 86 1.10 18.83 -16.84
C GLY A 86 2.05 19.72 -16.05
N LEU A 87 2.64 19.16 -14.99
CA LEU A 87 3.50 19.95 -14.11
C LEU A 87 4.83 20.28 -14.78
N ALA A 88 5.13 19.65 -15.93
CA ALA A 88 6.30 20.06 -16.68
C ALA A 88 6.08 21.45 -17.30
N GLN A 89 4.83 21.92 -17.39
CA GLN A 89 4.51 23.16 -18.07
C GLN A 89 4.84 24.38 -17.20
N THR A 90 5.28 24.17 -15.95
CA THR A 90 5.68 25.27 -15.06
C THR A 90 6.98 24.91 -14.33
N GLN A 91 7.76 25.94 -13.93
CA GLN A 91 8.92 25.77 -13.07
C GLN A 91 8.55 26.01 -11.60
N ALA A 92 7.29 26.36 -11.34
CA ALA A 92 6.81 26.48 -9.97
C ALA A 92 6.59 25.10 -9.34
N PHE A 93 6.43 25.14 -8.01
CA PHE A 93 6.05 24.02 -7.17
C PHE A 93 7.25 23.11 -6.97
N ARG A 94 7.05 22.13 -6.09
CA ARG A 94 7.94 20.97 -6.04
C ARG A 94 7.11 19.72 -6.24
N VAL A 95 7.85 18.66 -6.57
CA VAL A 95 7.28 17.36 -6.79
C VAL A 95 7.94 16.34 -5.87
N ILE A 96 7.11 15.61 -5.12
CA ILE A 96 7.48 14.37 -4.47
C ILE A 96 6.74 13.25 -5.20
N VAL A 97 7.39 12.10 -5.37
CA VAL A 97 6.68 10.93 -5.86
C VAL A 97 6.48 9.98 -4.70
N HIS A 98 5.24 9.56 -4.49
CA HIS A 98 4.95 8.47 -3.59
C HIS A 98 4.72 7.22 -4.42
N ASN A 99 5.80 6.45 -4.63
CA ASN A 99 5.78 5.29 -5.51
C ASN A 99 5.41 4.08 -4.65
N GLN A 100 4.15 3.64 -4.75
CA GLN A 100 3.64 2.55 -3.93
C GLN A 100 3.58 1.25 -4.71
N ASN A 101 3.94 1.28 -6.01
CA ASN A 101 3.76 0.15 -6.93
C ASN A 101 4.93 0.15 -7.91
N PRO A 102 6.13 -0.30 -7.49
CA PRO A 102 7.35 -0.11 -8.29
C PRO A 102 7.28 -0.80 -9.65
N PHE A 103 6.52 -1.88 -9.74
CA PHE A 103 6.35 -2.53 -11.04
C PHE A 103 5.41 -1.77 -11.97
N TYR A 104 4.58 -0.84 -11.47
CA TYR A 104 3.76 -0.01 -12.32
C TYR A 104 4.37 1.35 -12.60
N THR A 105 5.67 1.53 -12.31
CA THR A 105 6.37 2.75 -12.64
C THR A 105 6.26 3.09 -14.13
N HIS A 106 6.16 2.06 -14.98
CA HIS A 106 6.08 2.26 -16.41
C HIS A 106 4.83 3.04 -16.84
N THR A 107 3.76 3.05 -16.03
CA THR A 107 2.52 3.72 -16.41
C THR A 107 2.71 5.23 -16.41
N GLY A 108 3.62 5.74 -15.59
CA GLY A 108 3.76 7.17 -15.40
C GLY A 108 4.96 7.75 -16.14
N MET A 109 5.95 6.88 -16.35
CA MET A 109 7.26 7.30 -16.80
C MET A 109 7.82 6.20 -17.69
N ASP A 110 8.52 6.62 -18.74
CA ASP A 110 8.97 5.68 -19.76
C ASP A 110 10.21 4.91 -19.35
N SER A 111 11.09 5.54 -18.58
CA SER A 111 12.33 4.90 -18.20
C SER A 111 12.86 5.49 -16.89
N ALA A 112 13.87 4.83 -16.33
CA ALA A 112 14.59 5.41 -15.23
C ALA A 112 15.14 6.78 -15.60
N HIS A 113 15.55 6.96 -16.87
CA HIS A 113 16.22 8.18 -17.27
C HIS A 113 15.28 9.38 -17.15
N ASP A 114 13.99 9.17 -17.47
CA ASP A 114 12.98 10.21 -17.40
C ASP A 114 12.69 10.62 -15.96
N ILE A 115 12.73 9.64 -15.05
CA ILE A 115 12.57 9.90 -13.62
C ILE A 115 13.77 10.68 -13.09
N ASN A 116 14.98 10.23 -13.46
CA ASN A 116 16.23 10.84 -12.99
C ASN A 116 16.32 12.29 -13.48
N ARG A 117 15.76 12.59 -14.66
CA ARG A 117 15.88 13.94 -15.21
C ARG A 117 14.71 14.82 -14.77
N TYR A 118 13.64 14.25 -14.23
CA TYR A 118 12.51 15.05 -13.75
C TYR A 118 12.84 15.74 -12.43
N ARG A 119 12.18 16.87 -12.18
CA ARG A 119 12.42 17.67 -10.98
C ARG A 119 11.73 17.07 -9.75
N ILE A 120 12.03 15.80 -9.50
CA ILE A 120 11.55 15.10 -8.33
C ILE A 120 12.51 15.39 -7.17
N THR A 121 11.96 15.89 -6.07
CA THR A 121 12.76 16.13 -4.88
C THR A 121 13.09 14.84 -4.14
N LYS A 122 12.09 13.97 -3.96
CA LYS A 122 12.29 12.73 -3.23
C LYS A 122 11.24 11.72 -3.68
N ILE A 123 11.61 10.44 -3.67
CA ILE A 123 10.66 9.37 -3.86
C ILE A 123 10.40 8.71 -2.51
N ILE A 124 9.15 8.84 -2.04
CA ILE A 124 8.71 8.14 -0.86
C ILE A 124 8.15 6.79 -1.31
N THR A 125 8.48 5.74 -0.55
CA THR A 125 8.08 4.37 -0.87
C THR A 125 7.49 3.71 0.36
N PRO A 126 6.77 2.59 0.20
CA PRO A 126 6.24 1.84 1.33
C PRO A 126 7.15 0.86 2.05
N SER A 127 8.37 0.64 1.54
CA SER A 127 9.20 -0.45 2.04
C SER A 127 10.62 -0.31 1.55
N HIS A 128 11.56 -0.85 2.36
CA HIS A 128 12.97 -0.94 1.98
C HIS A 128 13.13 -1.74 0.68
N TYR A 129 12.29 -2.75 0.48
CA TYR A 129 12.31 -3.55 -0.75
C TYR A 129 12.04 -2.66 -1.96
N THR A 130 11.07 -1.75 -1.87
CA THR A 130 10.72 -0.87 -2.97
C THR A 130 11.92 -0.02 -3.38
N VAL A 131 12.64 0.52 -2.37
CA VAL A 131 13.80 1.34 -2.63
C VAL A 131 14.78 0.50 -3.45
N LYS A 132 15.06 -0.72 -3.00
CA LYS A 132 16.02 -1.56 -3.71
C LYS A 132 15.55 -1.86 -5.15
N LYS A 133 14.24 -2.07 -5.35
CA LYS A 133 13.69 -2.40 -6.65
C LYS A 133 13.85 -1.21 -7.62
N LEU A 134 13.46 -0.03 -7.14
CA LEU A 134 13.62 1.17 -7.94
C LEU A 134 15.09 1.39 -8.29
N GLU A 135 16.00 1.15 -7.34
CA GLU A 135 17.44 1.30 -7.59
C GLU A 135 17.91 0.30 -8.67
N GLU A 136 17.40 -0.94 -8.58
CA GLU A 136 17.76 -1.98 -9.55
C GLU A 136 17.30 -1.58 -10.96
N MET A 137 16.21 -0.84 -11.05
CA MET A 137 15.71 -0.34 -12.31
C MET A 137 16.55 0.82 -12.85
N GLY A 138 17.47 1.37 -12.04
CA GLY A 138 18.35 2.44 -12.47
C GLY A 138 17.90 3.85 -12.07
N ILE A 139 16.90 3.95 -11.16
CA ILE A 139 16.49 5.24 -10.60
C ILE A 139 17.47 5.67 -9.53
N THR A 140 17.94 6.93 -9.59
CA THR A 140 19.01 7.41 -8.71
C THR A 140 18.53 8.52 -7.79
N LYS A 141 17.25 8.90 -7.93
CA LYS A 141 16.69 9.91 -7.06
C LYS A 141 16.72 9.49 -5.61
N PRO A 142 16.83 10.45 -4.68
CA PRO A 142 16.81 10.13 -3.26
C PRO A 142 15.47 9.56 -2.83
N MET A 143 15.53 8.60 -1.91
CA MET A 143 14.37 7.83 -1.51
C MET A 143 14.18 7.82 0.01
N ALA A 144 12.94 7.63 0.42
CA ALA A 144 12.58 7.44 1.80
C ALA A 144 11.52 6.34 1.92
N VAL A 145 11.34 5.84 3.14
CA VAL A 145 10.40 4.79 3.45
C VAL A 145 9.40 5.28 4.50
N ILE A 146 8.12 5.12 4.18
CA ILE A 146 7.06 5.17 5.16
C ILE A 146 6.19 3.93 4.99
N SER A 147 6.27 3.00 5.95
CA SER A 147 5.53 1.76 5.88
C SER A 147 4.07 2.07 6.26
N PRO A 148 3.09 1.65 5.45
CA PRO A 148 1.67 1.75 5.83
C PRO A 148 1.40 0.99 7.13
N TYR A 149 0.28 1.32 7.77
CA TYR A 149 -0.09 0.60 8.96
C TYR A 149 -1.35 -0.24 8.74
N ILE A 150 -1.48 -1.23 9.62
CA ILE A 150 -2.66 -2.07 9.69
C ILE A 150 -3.59 -1.50 10.74
N PRO A 151 -4.84 -1.13 10.37
CA PRO A 151 -5.80 -0.60 11.31
C PRO A 151 -6.05 -1.50 12.51
N GLU A 152 -6.32 -0.86 13.65
CA GLU A 152 -6.49 -1.55 14.93
C GLU A 152 -7.63 -2.57 14.86
N TYR A 153 -8.62 -2.37 13.98
CA TYR A 153 -9.74 -3.29 13.83
C TYR A 153 -9.29 -4.64 13.24
N PHE A 154 -8.06 -4.73 12.75
CA PHE A 154 -7.51 -6.05 12.47
C PHE A 154 -6.83 -6.56 13.72
N LYS A 155 -7.46 -7.59 14.31
CA LYS A 155 -7.05 -8.22 15.55
C LYS A 155 -7.80 -9.55 15.67
N PRO A 156 -7.27 -10.54 16.44
CA PRO A 156 -7.92 -11.84 16.53
C PRO A 156 -9.26 -11.69 17.25
N ALA A 157 -10.23 -12.50 16.79
CA ALA A 157 -11.45 -12.80 17.53
C ALA A 157 -11.53 -14.32 17.72
N GLU A 158 -12.70 -14.84 18.14
CA GLU A 158 -12.85 -16.26 18.40
C GLU A 158 -12.90 -17.04 17.10
N LYS A 159 -12.03 -18.05 17.00
CA LYS A 159 -11.96 -18.91 15.83
C LYS A 159 -12.53 -20.28 16.21
N SER A 160 -13.37 -20.85 15.36
CA SER A 160 -14.15 -22.04 15.71
C SER A 160 -13.23 -23.24 15.99
N ASN A 161 -13.40 -23.85 17.16
CA ASN A 161 -12.64 -25.05 17.53
C ASN A 161 -13.23 -26.28 16.85
N GLU A 162 -14.19 -26.09 15.92
CA GLU A 162 -14.90 -27.21 15.31
C GLU A 162 -14.77 -27.18 13.78
N GLU A 163 -14.91 -25.99 13.22
CA GLU A 163 -14.87 -25.73 11.80
C GLU A 163 -13.65 -24.86 11.48
N ILE A 164 -12.73 -25.38 10.67
CA ILE A 164 -11.55 -24.65 10.23
C ILE A 164 -11.88 -23.86 8.96
N ARG A 165 -11.50 -22.57 8.98
CA ARG A 165 -11.83 -21.65 7.92
C ARG A 165 -10.53 -21.18 7.29
N ILE A 166 -10.43 -21.35 5.96
CA ILE A 166 -9.34 -20.87 5.14
C ILE A 166 -9.89 -19.71 4.33
N THR A 167 -9.21 -18.54 4.41
CA THR A 167 -9.55 -17.40 3.59
C THR A 167 -8.46 -17.26 2.53
N TYR A 168 -8.85 -16.61 1.43
CA TYR A 168 -7.95 -16.27 0.33
C TYR A 168 -8.56 -15.11 -0.46
N SER A 169 -7.77 -14.54 -1.37
CA SER A 169 -8.27 -13.53 -2.28
C SER A 169 -7.97 -13.92 -3.72
N ARG A 170 -8.91 -13.56 -4.61
CA ARG A 170 -8.70 -13.74 -6.05
C ARG A 170 -8.28 -12.45 -6.74
N ARG A 171 -7.94 -11.42 -5.98
CA ARG A 171 -7.50 -10.15 -6.56
C ARG A 171 -6.27 -10.39 -7.44
N LYS A 172 -5.36 -11.27 -7.02
CA LYS A 172 -4.20 -11.58 -7.85
C LYS A 172 -4.15 -13.10 -8.04
N ARG A 173 -3.57 -13.53 -9.16
CA ARG A 173 -3.36 -14.95 -9.43
C ARG A 173 -4.65 -15.76 -9.39
N GLU A 174 -5.74 -15.24 -9.94
CA GLU A 174 -6.99 -15.97 -9.89
C GLU A 174 -6.83 -17.39 -10.49
N GLU A 175 -6.20 -17.50 -11.66
CA GLU A 175 -6.07 -18.81 -12.29
C GLU A 175 -5.24 -19.75 -11.42
N GLU A 176 -4.19 -19.21 -10.78
CA GLU A 176 -3.37 -20.05 -9.95
C GLU A 176 -4.11 -20.53 -8.70
N SER A 177 -5.06 -19.74 -8.17
CA SER A 177 -5.84 -20.22 -7.05
C SER A 177 -6.66 -21.45 -7.44
N LYS A 178 -7.09 -21.53 -8.71
CA LYS A 178 -7.81 -22.70 -9.16
C LYS A 178 -6.88 -23.90 -9.28
N ILE A 179 -5.64 -23.69 -9.74
CA ILE A 179 -4.66 -24.76 -9.78
C ILE A 179 -4.37 -25.29 -8.39
N LEU A 180 -4.11 -24.38 -7.47
CA LEU A 180 -3.87 -24.73 -6.07
C LEU A 180 -5.04 -25.52 -5.51
N LEU A 181 -6.29 -25.06 -5.70
CA LEU A 181 -7.41 -25.73 -5.06
C LEU A 181 -7.56 -27.14 -5.63
N PHE A 182 -7.18 -27.32 -6.91
CA PHE A 182 -7.20 -28.64 -7.50
C PHE A 182 -6.22 -29.56 -6.78
N TYR A 183 -4.99 -29.07 -6.55
CA TYR A 183 -4.01 -29.83 -5.82
C TYR A 183 -4.51 -30.13 -4.40
N LEU A 184 -5.15 -29.15 -3.75
CA LEU A 184 -5.61 -29.34 -2.37
C LEU A 184 -6.70 -30.39 -2.31
N ARG A 185 -7.69 -30.31 -3.22
CA ARG A 185 -8.75 -31.32 -3.26
C ARG A 185 -8.15 -32.70 -3.53
N SER A 186 -7.08 -32.76 -4.34
CA SER A 186 -6.48 -34.00 -4.79
C SER A 186 -5.65 -34.64 -3.69
N LEU A 187 -5.02 -33.85 -2.83
CA LEU A 187 -4.03 -34.39 -1.91
C LEU A 187 -4.61 -34.56 -0.50
N TYR A 188 -5.71 -33.85 -0.21
CA TYR A 188 -6.27 -33.83 1.13
C TYR A 188 -7.10 -35.09 1.34
N ARG A 189 -6.71 -35.90 2.31
CA ARG A 189 -7.45 -37.13 2.58
C ARG A 189 -7.77 -37.18 4.08
N GLY A 190 -8.01 -35.98 4.66
CA GLY A 190 -8.57 -35.82 5.99
C GLY A 190 -10.10 -35.76 5.95
N LYS A 191 -10.75 -35.89 7.10
CA LYS A 191 -12.14 -36.32 7.13
C LYS A 191 -13.11 -35.14 7.24
N LYS A 192 -12.72 -34.05 7.90
CA LYS A 192 -13.58 -32.86 7.91
C LYS A 192 -13.38 -32.09 6.60
N ALA A 193 -14.51 -31.61 6.03
CA ALA A 193 -14.53 -30.83 4.81
C ALA A 193 -13.77 -29.51 4.98
N LEU A 194 -13.12 -29.08 3.90
CA LEU A 194 -12.41 -27.81 3.83
C LEU A 194 -13.43 -26.68 3.74
N HIS A 195 -13.22 -25.59 4.47
CA HIS A 195 -14.12 -24.45 4.36
C HIS A 195 -13.30 -23.29 3.86
N ILE A 196 -13.52 -22.92 2.59
CA ILE A 196 -12.75 -21.89 1.91
C ILE A 196 -13.63 -20.68 1.64
N ARG A 197 -13.11 -19.47 1.95
CA ARG A 197 -13.88 -18.25 1.78
C ARG A 197 -13.03 -17.21 1.03
N ASN A 198 -13.63 -16.67 -0.04
CA ASN A 198 -13.03 -15.70 -0.90
C ASN A 198 -13.32 -14.28 -0.39
N LEU A 199 -12.25 -13.55 -0.10
CA LEU A 199 -12.33 -12.14 0.25
C LEU A 199 -11.93 -11.34 -0.97
N THR A 200 -12.80 -11.11 -1.94
CA THR A 200 -12.36 -10.32 -3.09
C THR A 200 -13.15 -9.02 -3.18
N ASN A 201 -14.47 -9.04 -3.13
CA ASN A 201 -15.04 -7.71 -3.31
C ASN A 201 -15.60 -7.22 -1.98
N TYR A 202 -14.77 -7.24 -0.92
CA TYR A 202 -15.19 -6.83 0.42
C TYR A 202 -14.60 -5.48 0.78
N LYS A 203 -15.24 -4.76 1.68
CA LYS A 203 -14.69 -3.52 2.21
C LYS A 203 -13.67 -3.92 3.27
N ARG A 204 -12.76 -3.01 3.61
CA ARG A 204 -11.62 -3.38 4.43
C ARG A 204 -12.07 -3.82 5.82
N GLU A 205 -13.08 -3.16 6.42
CA GLU A 205 -13.58 -3.55 7.73
C GLU A 205 -14.14 -4.98 7.69
N GLU A 206 -14.72 -5.36 6.54
CA GLU A 206 -15.32 -6.68 6.37
C GLU A 206 -14.23 -7.73 6.18
N VAL A 207 -13.15 -7.36 5.48
CA VAL A 207 -11.97 -8.23 5.42
C VAL A 207 -11.52 -8.57 6.85
N ALA A 208 -11.40 -7.53 7.69
CA ALA A 208 -10.92 -7.71 9.04
C ALA A 208 -11.82 -8.66 9.84
N GLU A 209 -13.13 -8.51 9.72
CA GLU A 209 -14.09 -9.40 10.39
C GLU A 209 -13.83 -10.86 9.99
N GLU A 210 -13.74 -11.10 8.69
CA GLU A 210 -13.56 -12.45 8.19
C GLU A 210 -12.23 -13.05 8.67
N MET A 211 -11.14 -12.28 8.59
CA MET A 211 -9.83 -12.76 9.00
C MET A 211 -9.80 -13.05 10.48
N SER A 212 -10.50 -12.23 11.27
CA SER A 212 -10.50 -12.38 12.72
C SER A 212 -11.06 -13.75 13.14
N LYS A 213 -11.95 -14.30 12.29
CA LYS A 213 -12.64 -15.56 12.54
C LYS A 213 -12.00 -16.74 11.81
N ALA A 214 -10.97 -16.50 10.99
CA ALA A 214 -10.41 -17.54 10.14
C ALA A 214 -9.12 -18.06 10.76
N HIS A 215 -8.88 -19.36 10.59
CA HIS A 215 -7.66 -19.99 11.06
C HIS A 215 -6.48 -19.73 10.13
N ILE A 216 -6.72 -19.79 8.81
CA ILE A 216 -5.64 -19.81 7.84
C ILE A 216 -5.97 -18.81 6.75
N TYR A 217 -4.91 -18.09 6.31
CA TYR A 217 -4.98 -17.24 5.15
C TYR A 217 -4.06 -17.82 4.08
N ALA A 218 -4.65 -18.29 2.96
CA ALA A 218 -3.88 -18.79 1.82
C ALA A 218 -3.54 -17.59 0.94
N SER A 219 -2.23 -17.29 0.82
CA SER A 219 -1.74 -16.08 0.20
C SER A 219 -1.49 -16.28 -1.29
N PHE A 220 -2.14 -15.47 -2.10
CA PHE A 220 -1.86 -15.38 -3.52
C PHE A 220 -1.22 -14.03 -3.90
N ALA A 221 -0.43 -13.49 -2.97
CA ALA A 221 0.30 -12.26 -3.22
C ALA A 221 1.19 -12.34 -4.46
N GLU A 222 1.34 -11.19 -5.11
CA GLU A 222 2.10 -11.14 -6.37
C GLU A 222 2.70 -9.76 -6.59
N ARG A 223 4.01 -9.72 -6.83
CA ARG A 223 4.75 -8.50 -7.12
C ARG A 223 4.34 -7.38 -6.16
N GLU A 224 4.42 -7.72 -4.86
CA GLU A 224 4.13 -6.78 -3.79
C GLU A 224 5.32 -5.84 -3.49
N SER A 225 4.99 -4.70 -2.87
CA SER A 225 5.97 -3.82 -2.23
C SER A 225 6.13 -4.17 -0.75
N LEU A 226 5.02 -4.52 -0.10
CA LEU A 226 5.03 -4.84 1.33
C LEU A 226 4.21 -6.09 1.55
N GLY A 227 2.97 -6.10 1.11
CA GLY A 227 2.16 -7.29 1.31
C GLY A 227 1.16 -7.08 2.46
N LEU A 228 0.26 -6.13 2.25
CA LEU A 228 -0.77 -5.73 3.21
C LEU A 228 -1.69 -6.87 3.63
N MET A 229 -2.19 -7.68 2.70
CA MET A 229 -3.17 -8.67 3.11
C MET A 229 -2.52 -9.75 3.98
N ALA A 230 -1.24 -10.10 3.75
CA ALA A 230 -0.55 -11.05 4.62
C ALA A 230 -0.31 -10.44 6.01
N LEU A 231 0.02 -9.16 6.08
CA LEU A 231 0.14 -8.50 7.38
C LEU A 231 -1.22 -8.41 8.09
N GLU A 232 -2.31 -8.11 7.36
CA GLU A 232 -3.65 -8.10 7.92
C GLU A 232 -4.00 -9.45 8.53
N ALA A 233 -3.65 -10.52 7.80
CA ALA A 233 -3.93 -11.86 8.27
C ALA A 233 -3.16 -12.12 9.57
N MET A 234 -1.87 -11.77 9.57
CA MET A 234 -1.02 -11.97 10.74
C MET A 234 -1.59 -11.22 11.94
N ALA A 235 -2.05 -9.99 11.72
CA ALA A 235 -2.64 -9.15 12.78
C ALA A 235 -3.92 -9.73 13.36
N SER A 236 -4.57 -10.57 12.55
CA SER A 236 -5.85 -11.20 12.89
C SER A 236 -5.66 -12.57 13.57
N GLY A 237 -4.40 -13.00 13.72
CA GLY A 237 -4.05 -14.30 14.27
C GLY A 237 -4.18 -15.47 13.29
N CYS A 238 -4.21 -15.21 11.97
CA CYS A 238 -4.25 -16.27 10.97
C CYS A 238 -2.86 -16.83 10.69
N HIS A 239 -2.82 -18.13 10.43
CA HIS A 239 -1.61 -18.77 9.95
C HIS A 239 -1.54 -18.51 8.45
N VAL A 240 -0.47 -17.83 7.98
CA VAL A 240 -0.35 -17.47 6.58
C VAL A 240 0.45 -18.55 5.88
N VAL A 241 -0.14 -19.06 4.78
CA VAL A 241 0.49 -20.08 3.97
C VAL A 241 0.39 -19.64 2.50
N GLY A 242 1.49 -19.79 1.73
CA GLY A 242 1.46 -19.62 0.28
C GLY A 242 2.50 -18.66 -0.28
N PHE A 243 2.13 -17.92 -1.33
CA PHE A 243 3.07 -17.07 -2.03
C PHE A 243 3.34 -15.83 -1.18
N SER A 244 4.60 -15.40 -1.17
CA SER A 244 5.00 -14.26 -0.33
C SER A 244 4.68 -12.94 -1.03
N GLY A 245 4.64 -12.96 -2.36
CA GLY A 245 4.59 -11.74 -3.11
C GLY A 245 5.95 -11.18 -3.55
N PHE A 246 7.05 -11.89 -3.22
CA PHE A 246 8.41 -11.46 -3.49
C PHE A 246 9.21 -12.60 -4.11
N THR A 247 9.39 -12.58 -5.43
CA THR A 247 10.26 -13.55 -6.07
C THR A 247 11.69 -13.51 -5.54
N ASP A 248 12.16 -12.28 -5.37
CA ASP A 248 13.46 -12.00 -4.79
C ASP A 248 13.26 -11.76 -3.29
N PHE A 249 12.93 -12.87 -2.62
CA PHE A 249 12.47 -12.83 -1.25
C PHE A 249 13.56 -12.28 -0.32
N GLU A 250 14.84 -12.47 -0.70
CA GLU A 250 15.97 -12.04 0.11
C GLU A 250 16.11 -10.52 0.13
N ASN A 251 15.42 -9.83 -0.79
CA ASN A 251 15.52 -8.38 -0.87
C ASN A 251 14.53 -7.69 0.03
N GLN A 252 13.68 -8.46 0.69
CA GLN A 252 12.81 -7.92 1.74
C GLN A 252 13.14 -8.58 3.07
N ASP A 253 12.95 -7.84 4.16
CA ASP A 253 13.30 -8.36 5.49
C ASP A 253 12.13 -8.09 6.43
N VAL A 254 10.92 -8.38 5.93
CA VAL A 254 9.69 -8.42 6.69
C VAL A 254 9.24 -9.86 6.93
N PHE A 255 8.94 -10.56 5.84
CA PHE A 255 8.55 -11.94 5.88
C PHE A 255 9.80 -12.82 5.97
N ASN A 256 9.66 -13.92 6.71
CA ASN A 256 10.74 -14.88 6.92
C ASN A 256 10.11 -16.25 7.18
N GLU A 257 10.99 -17.26 7.30
CA GLU A 257 10.58 -18.64 7.50
C GLU A 257 9.82 -18.77 8.82
N GLU A 258 10.04 -17.87 9.78
CA GLU A 258 9.45 -17.98 11.11
C GLU A 258 8.07 -17.30 11.23
N ASN A 259 7.61 -16.53 10.23
CA ASN A 259 6.31 -15.86 10.35
C ASN A 259 5.29 -16.30 9.32
N GLY A 260 5.67 -17.22 8.43
CA GLY A 260 4.73 -17.76 7.44
C GLY A 260 5.22 -19.08 6.85
N ASP A 261 4.32 -19.83 6.22
CA ASP A 261 4.71 -21.01 5.47
C ASP A 261 4.70 -20.62 4.00
N TRP A 262 5.85 -20.12 3.54
CA TRP A 262 5.97 -19.50 2.22
C TRP A 262 6.40 -20.58 1.23
N VAL A 263 5.86 -20.48 0.03
CA VAL A 263 6.35 -21.30 -1.06
C VAL A 263 6.87 -20.41 -2.19
N LYS A 264 7.61 -21.03 -3.11
CA LYS A 264 8.12 -20.32 -4.28
C LYS A 264 7.17 -20.50 -5.45
N GLU A 265 7.41 -19.74 -6.51
CA GLU A 265 6.57 -19.80 -7.70
C GLU A 265 6.42 -21.24 -8.13
N GLY A 266 5.21 -21.56 -8.55
CA GLY A 266 4.84 -22.84 -9.11
C GLY A 266 4.81 -23.99 -8.12
N GLU A 267 5.03 -23.76 -6.81
CA GLU A 267 5.12 -24.85 -5.85
C GLU A 267 3.73 -25.19 -5.30
N TYR A 268 2.83 -25.64 -6.19
CA TYR A 268 1.44 -25.87 -5.81
C TYR A 268 1.34 -27.06 -4.86
N LYS A 269 2.16 -28.09 -5.10
CA LYS A 269 2.11 -29.27 -4.26
C LYS A 269 2.52 -28.91 -2.84
N LYS A 270 3.62 -28.17 -2.71
CA LYS A 270 4.09 -27.77 -1.39
C LYS A 270 3.10 -26.84 -0.72
N PHE A 271 2.49 -25.92 -1.49
CA PHE A 271 1.44 -25.04 -0.99
C PHE A 271 0.30 -25.90 -0.41
N ALA A 272 -0.15 -26.90 -1.17
CA ALA A 272 -1.28 -27.69 -0.70
C ALA A 272 -0.88 -28.49 0.53
N GLU A 273 0.34 -29.02 0.51
CA GLU A 273 0.86 -29.75 1.65
C GLU A 273 0.89 -28.89 2.92
N LYS A 274 1.37 -27.65 2.79
CA LYS A 274 1.47 -26.75 3.94
C LYS A 274 0.08 -26.33 4.45
N LEU A 275 -0.91 -26.18 3.56
CA LEU A 275 -2.29 -25.96 3.96
C LEU A 275 -2.82 -27.13 4.79
N ILE A 276 -2.55 -28.37 4.32
CA ILE A 276 -2.99 -29.55 5.05
C ILE A 276 -2.30 -29.60 6.42
N GLU A 277 -0.99 -29.37 6.46
CA GLU A 277 -0.23 -29.28 7.71
C GLU A 277 -0.88 -28.27 8.65
N ALA A 278 -1.33 -27.12 8.10
CA ALA A 278 -1.86 -26.03 8.93
C ALA A 278 -3.20 -26.44 9.54
N ILE A 279 -4.01 -27.17 8.76
CA ILE A 279 -5.27 -27.73 9.21
C ILE A 279 -5.01 -28.72 10.35
N GLU A 280 -4.02 -29.59 10.16
CA GLU A 280 -3.71 -30.65 11.12
C GLU A 280 -3.10 -30.08 12.39
N GLN A 281 -2.38 -28.97 12.29
CA GLN A 281 -1.86 -28.32 13.50
C GLN A 281 -3.02 -27.88 14.39
N ILE A 282 -4.12 -27.42 13.76
CA ILE A 282 -5.34 -27.06 14.47
C ILE A 282 -6.04 -28.31 15.00
N GLU A 283 -6.25 -29.31 14.14
CA GLU A 283 -7.01 -30.49 14.54
C GLU A 283 -6.31 -31.24 15.68
N ASN A 284 -4.97 -31.31 15.67
CA ASN A 284 -4.25 -32.09 16.66
C ASN A 284 -3.78 -31.22 17.84
N ASN A 285 -4.19 -29.95 17.81
CA ASN A 285 -3.82 -28.98 18.83
C ASN A 285 -2.30 -28.92 19.01
N THR A 286 -1.57 -28.80 17.89
CA THR A 286 -0.13 -28.54 17.85
C THR A 286 0.11 -27.22 17.10
N PRO A 287 -0.22 -26.04 17.71
CA PRO A 287 -0.23 -24.79 16.96
C PRO A 287 1.14 -24.38 16.42
N SER A 288 1.13 -23.78 15.22
CA SER A 288 2.35 -23.21 14.64
C SER A 288 2.80 -22.03 15.49
N PRO A 289 4.10 -21.92 15.87
CA PRO A 289 4.63 -20.71 16.50
C PRO A 289 4.65 -19.52 15.53
N LYS A 290 4.43 -19.77 14.24
CA LYS A 290 4.47 -18.71 13.23
C LYS A 290 3.35 -17.70 13.46
N ILE A 291 2.25 -18.14 14.07
CA ILE A 291 1.14 -17.26 14.34
C ILE A 291 1.59 -16.16 15.30
N GLU A 292 2.27 -16.53 16.39
CA GLU A 292 2.67 -15.54 17.38
C GLU A 292 3.75 -14.63 16.83
N ASN A 293 4.65 -15.18 16.01
CA ASN A 293 5.71 -14.41 15.39
C ASN A 293 5.13 -13.33 14.49
N GLY A 294 4.11 -13.71 13.68
CA GLY A 294 3.40 -12.77 12.82
C GLY A 294 2.69 -11.65 13.60
N LEU A 295 2.00 -12.04 14.66
CA LEU A 295 1.33 -11.08 15.52
C LEU A 295 2.33 -10.06 16.04
N ALA A 296 3.48 -10.54 16.52
CA ALA A 296 4.48 -9.65 17.09
C ALA A 296 5.11 -8.74 16.03
N LEU A 297 5.33 -9.28 14.81
CA LEU A 297 5.80 -8.45 13.71
C LEU A 297 4.86 -7.26 13.47
N VAL A 298 3.57 -7.55 13.33
CA VAL A 298 2.64 -6.49 12.97
C VAL A 298 2.53 -5.48 14.10
N ASN A 299 2.44 -5.98 15.33
CA ASN A 299 2.18 -5.09 16.46
C ASN A 299 3.40 -4.21 16.75
N SER A 300 4.60 -4.71 16.38
CA SER A 300 5.81 -3.94 16.58
C SER A 300 6.09 -2.94 15.45
N ARG A 301 5.85 -3.30 14.19
CA ARG A 301 6.38 -2.55 13.05
C ARG A 301 5.29 -1.89 12.20
N PHE A 302 4.03 -2.33 12.27
CA PHE A 302 3.04 -1.93 11.29
C PHE A 302 1.74 -1.42 11.92
N ARG A 303 1.82 -0.70 13.04
CA ARG A 303 0.62 -0.04 13.58
C ARG A 303 0.74 1.48 13.46
N GLN A 304 -0.33 2.17 13.83
CA GLN A 304 -0.53 3.57 13.44
C GLN A 304 0.47 4.52 14.10
N ASP A 305 0.83 4.32 15.36
CA ASP A 305 1.61 5.31 16.08
C ASP A 305 2.97 5.50 15.38
N ARG A 306 3.65 4.40 15.07
CA ARG A 306 4.92 4.43 14.38
C ARG A 306 4.74 5.08 13.00
N PHE A 307 3.65 4.77 12.31
CA PHE A 307 3.39 5.34 11.00
C PHE A 307 3.35 6.88 11.09
N GLU A 308 2.64 7.39 12.08
CA GLU A 308 2.50 8.84 12.20
C GLU A 308 3.87 9.46 12.47
N GLN A 309 4.72 8.81 13.27
CA GLN A 309 6.04 9.32 13.58
C GLN A 309 6.88 9.35 12.31
N GLU A 310 6.74 8.35 11.46
CA GLU A 310 7.54 8.29 10.24
C GLU A 310 7.05 9.32 9.23
N VAL A 311 5.72 9.53 9.14
CA VAL A 311 5.17 10.58 8.28
C VAL A 311 5.82 11.90 8.66
N VAL A 312 5.77 12.23 9.95
CA VAL A 312 6.30 13.50 10.41
C VAL A 312 7.80 13.60 10.11
N ARG A 313 8.58 12.56 10.41
CA ARG A 313 10.02 12.62 10.18
C ARG A 313 10.36 12.83 8.71
N VAL A 314 9.75 12.02 7.86
CA VAL A 314 10.06 12.03 6.43
C VAL A 314 9.63 13.34 5.76
N TYR A 315 8.41 13.80 6.00
CA TYR A 315 7.95 15.03 5.38
C TYR A 315 8.67 16.24 5.96
N GLN A 316 9.00 16.22 7.26
CA GLN A 316 9.76 17.35 7.82
C GLN A 316 11.15 17.39 7.19
N ASP A 317 11.77 16.22 6.98
CA ASP A 317 13.09 16.17 6.37
C ASP A 317 13.03 16.72 4.96
N ILE A 318 11.94 16.46 4.23
CA ILE A 318 11.79 17.08 2.92
C ILE A 318 11.71 18.60 3.02
N LEU A 319 10.83 19.12 3.90
CA LEU A 319 10.70 20.56 4.05
C LEU A 319 12.05 21.19 4.36
N ASP A 320 12.81 20.53 5.24
CA ASP A 320 14.06 21.10 5.73
C ASP A 320 15.12 21.22 4.62
N ASN A 321 14.96 20.53 3.49
CA ASN A 321 16.04 20.44 2.53
C ASN A 321 15.64 21.00 1.17
N LEU A 322 14.43 21.53 1.01
CA LEU A 322 14.07 22.20 -0.23
C LEU A 322 15.04 23.35 -0.50
N PRO A 323 15.52 23.54 -1.75
CA PRO A 323 16.26 24.76 -2.12
C PRO A 323 15.30 25.94 -2.30
N PRO A 324 15.81 27.20 -2.24
CA PRO A 324 14.96 28.35 -2.53
C PRO A 324 14.33 28.18 -3.91
N LEU A 325 13.13 28.76 -4.08
CA LEU A 325 12.48 28.84 -5.37
C LEU A 325 13.36 29.61 -6.34
N GLU A 326 13.37 29.14 -7.58
CA GLU A 326 14.03 29.80 -8.70
C GLU A 326 12.95 30.40 -9.59
N GLY A 327 12.95 31.71 -9.74
CA GLY A 327 12.08 32.34 -10.71
C GLY A 327 10.71 32.67 -10.11
N PHE A 328 10.59 32.48 -8.78
CA PHE A 328 9.41 32.82 -8.01
C PHE A 328 9.85 33.26 -6.63
N ASN A 329 9.01 34.06 -5.98
CA ASN A 329 9.15 34.30 -4.57
C ASN A 329 8.07 33.52 -3.82
N GLU A 330 8.34 33.32 -2.52
CA GLU A 330 7.38 32.74 -1.61
C GLU A 330 6.02 33.46 -1.69
N SER A 331 4.98 32.66 -1.82
CA SER A 331 3.58 33.05 -1.88
C SER A 331 3.24 33.89 -3.11
N ASP A 332 4.09 33.90 -4.14
CA ASP A 332 3.59 34.24 -5.45
C ASP A 332 2.51 33.23 -5.82
N LYS A 333 1.46 33.72 -6.47
CA LYS A 333 0.36 32.89 -6.91
C LYS A 333 0.66 32.41 -8.32
N VAL A 334 0.46 31.11 -8.56
CA VAL A 334 0.69 30.51 -9.86
C VAL A 334 -0.63 29.90 -10.33
N VAL A 335 -1.00 30.25 -11.57
CA VAL A 335 -2.22 29.76 -12.19
C VAL A 335 -2.00 28.30 -12.60
N LEU A 336 -2.91 27.42 -12.19
CA LEU A 336 -2.93 26.05 -12.67
C LEU A 336 -3.96 25.94 -13.78
N ASP A 337 -3.48 25.77 -15.00
CA ASP A 337 -4.37 25.59 -16.14
C ASP A 337 -3.79 24.55 -17.07
N PHE A 338 -3.07 23.55 -16.54
CA PHE A 338 -2.28 22.67 -17.37
C PHE A 338 -3.09 21.46 -17.88
N TRP A 339 -4.29 21.26 -17.31
CA TRP A 339 -5.12 20.11 -17.63
C TRP A 339 -6.50 20.55 -18.09
N HIS A 340 -7.09 19.80 -19.02
CA HIS A 340 -8.48 19.95 -19.37
C HIS A 340 -9.04 18.54 -19.49
N PHE A 341 -9.85 18.12 -18.52
CA PHE A 341 -10.31 16.74 -18.44
C PHE A 341 -11.71 16.61 -19.03
N ASP A 342 -11.90 15.51 -19.80
CA ASP A 342 -13.20 15.09 -20.31
C ASP A 342 -14.14 14.70 -19.16
N1 URI B . -9.02 -5.68 0.37
C2 URI B . -10.27 -5.17 0.66
N3 URI B . -11.29 -5.99 0.32
C4 URI B . -11.23 -7.26 -0.21
C5 URI B . -9.89 -7.76 -0.42
C6 URI B . -8.86 -6.95 -0.14
O2 URI B . -10.46 -4.07 1.17
O4 URI B . -12.29 -7.83 -0.44
C1' URI B . -7.86 -4.84 0.77
C2' URI B . -7.04 -5.52 1.86
C3' URI B . -5.72 -4.74 1.73
C4' URI B . -5.66 -4.34 0.22
O2' URI B . -7.74 -5.41 3.07
O3' URI B . -5.73 -3.58 2.58
O4' URI B . -6.97 -4.68 -0.31
C5' URI B . -4.55 -5.04 -0.57
O5' URI B . -4.16 -4.36 -1.77
H3 URI B . -12.11 -5.68 0.50
H5 URI B . -9.77 -8.60 -0.83
H6 URI B . -7.98 -7.26 -0.30
H1' URI B . -8.17 -3.96 1.07
H2' URI B . -6.89 -6.46 1.63
H3' URI B . -4.95 -5.32 1.96
H4' URI B . -5.54 -3.37 0.15
HO2' URI B . -7.30 -4.55 3.51
HO3' URI B . -5.56 -2.88 1.88
H5'1 URI B . -4.86 -5.95 -0.80
H5'2 URI B . -3.75 -5.15 0.00
HO5' URI B . -3.59 -4.95 -2.12
O1 MES C . 6.66 19.40 13.58
C2 MES C . 7.73 20.26 13.21
C3 MES C . 7.22 21.51 12.52
N4 MES C . 6.47 21.13 11.27
C5 MES C . 5.34 20.19 11.64
C6 MES C . 5.87 19.02 12.45
C7 MES C . 5.96 22.36 10.59
C8 MES C . 5.45 22.05 9.20
S MES C . 5.00 23.52 8.30
O1S MES C . 4.03 24.29 9.10
O2S MES C . 4.40 22.95 7.07
O3S MES C . 6.22 24.25 8.04
H21 MES C . 8.23 20.51 14.00
H22 MES C . 8.33 19.78 12.60
H31 MES C . 7.97 22.08 12.28
H32 MES C . 6.63 22.00 13.12
HN4 MES C . 7.04 20.69 10.71
H51 MES C . 4.92 19.87 10.83
H52 MES C . 4.69 20.69 12.16
H61 MES C . 5.12 18.49 12.76
H62 MES C . 6.42 18.46 11.87
H71 MES C . 6.73 23.03 10.55
H72 MES C . 5.22 22.75 11.17
H81 MES C . 4.67 21.48 9.23
H82 MES C . 6.14 21.59 8.68
#